data_9PYL
#
_entry.id   9PYL
#
_cell.length_a   42.705
_cell.length_b   52.625
_cell.length_c   98.861
_cell.angle_alpha   90.000
_cell.angle_beta   90.000
_cell.angle_gamma   90.000
#
_symmetry.space_group_name_H-M   'P 21 21 21'
#
loop_
_entity.id
_entity.type
_entity.pdbx_description
1 polymer ZETA_2
2 non-polymer 'ZINC ION'
3 water water
#
_entity_poly.entity_id   1
_entity_poly.type   'polypeptide(L)'
_entity_poly.pdbx_seq_one_letter_code
;ELTPLQQAALKWARKLAERFPELGEEFIAVHLEEARFWEKAGATPEEVDAAGKATLEYYEAIRNGDEEKAVEARKKALDI
YNKIVEALKKQPPEVVAAYEAFRPRHEALHRRAEATLRAQYEARGS
;
_entity_poly.pdbx_strand_id   A,B
#
# COMPACT_ATOMS: atom_id res chain seq x y z
N LEU A 2 -6.97 0.92 -11.24
CA LEU A 2 -7.12 -0.39 -10.63
C LEU A 2 -6.76 -1.51 -11.61
N THR A 3 -5.59 -2.13 -11.38
CA THR A 3 -5.12 -3.18 -12.26
C THR A 3 -5.95 -4.45 -12.06
N PRO A 4 -5.94 -5.36 -13.04
CA PRO A 4 -6.61 -6.66 -12.84
C PRO A 4 -6.00 -7.47 -11.70
N LEU A 5 -4.72 -7.29 -11.42
CA LEU A 5 -4.12 -7.97 -10.28
C LEU A 5 -4.63 -7.39 -8.97
N GLN A 6 -4.77 -6.06 -8.90
CA GLN A 6 -5.30 -5.44 -7.69
C GLN A 6 -6.76 -5.80 -7.48
N GLN A 7 -7.53 -5.90 -8.56
CA GLN A 7 -8.92 -6.33 -8.43
C GLN A 7 -9.02 -7.76 -7.92
N ALA A 8 -8.10 -8.64 -8.34
CA ALA A 8 -8.12 -10.02 -7.88
C ALA A 8 -7.80 -10.11 -6.39
N ALA A 9 -6.82 -9.32 -5.93
CA ALA A 9 -6.52 -9.31 -4.50
C ALA A 9 -7.64 -8.66 -3.70
N LEU A 10 -8.28 -7.62 -4.26
CA LEU A 10 -9.37 -6.95 -3.57
C LEU A 10 -10.57 -7.88 -3.37
N LYS A 11 -10.87 -8.71 -4.37
CA LYS A 11 -12.03 -9.60 -4.29
C LYS A 11 -11.90 -10.56 -3.12
N TRP A 12 -10.74 -11.21 -2.97
CA TRP A 12 -10.59 -12.21 -1.93
C TRP A 12 -10.34 -11.59 -0.56
N ALA A 13 -9.65 -10.45 -0.51
CA ALA A 13 -9.41 -9.79 0.77
C ALA A 13 -10.69 -9.18 1.33
N ARG A 14 -11.59 -8.70 0.47
CA ARG A 14 -12.85 -8.16 0.94
C ARG A 14 -13.76 -9.25 1.48
N LYS A 15 -13.74 -10.44 0.85
CA LYS A 15 -14.55 -11.54 1.35
C LYS A 15 -14.13 -11.94 2.77
N LEU A 16 -12.83 -12.06 3.01
CA LEU A 16 -12.35 -12.40 4.35
C LEU A 16 -12.74 -11.32 5.35
N ALA A 17 -12.63 -10.04 4.97
CA ALA A 17 -12.98 -8.97 5.90
C ALA A 17 -14.48 -8.97 6.20
N GLU A 18 -15.30 -9.22 5.18
CA GLU A 18 -16.75 -9.25 5.39
C GLU A 18 -17.17 -10.42 6.28
N ARG A 19 -16.57 -11.59 6.08
CA ARG A 19 -16.99 -12.75 6.87
C ARG A 19 -16.43 -12.72 8.29
N PHE A 20 -15.36 -11.98 8.52
CA PHE A 20 -14.72 -11.90 9.84
C PHE A 20 -14.43 -10.44 10.13
N PRO A 21 -15.43 -9.70 10.61
CA PRO A 21 -15.27 -8.24 10.76
C PRO A 21 -14.20 -7.84 11.76
N GLU A 22 -13.81 -8.74 12.66
CA GLU A 22 -12.75 -8.44 13.61
CA GLU A 22 -12.75 -8.40 13.61
C GLU A 22 -11.43 -8.14 12.90
N LEU A 23 -11.20 -8.78 11.75
CA LEU A 23 -10.01 -8.46 10.97
C LEU A 23 -10.08 -7.05 10.41
N GLY A 24 -11.27 -6.65 9.95
CA GLY A 24 -11.50 -5.28 9.55
C GLY A 24 -10.98 -4.95 8.17
N GLU A 25 -11.14 -3.67 7.81
CA GLU A 25 -10.58 -3.17 6.56
C GLU A 25 -9.06 -3.21 6.55
N GLU A 26 -8.42 -3.24 7.72
CA GLU A 26 -6.97 -3.39 7.79
C GLU A 26 -6.51 -4.66 7.08
N PHE A 27 -7.30 -5.72 7.18
CA PHE A 27 -6.98 -6.96 6.47
C PHE A 27 -6.95 -6.75 4.96
N ILE A 28 -7.84 -5.89 4.45
CA ILE A 28 -7.85 -5.60 3.01
C ILE A 28 -6.65 -4.74 2.63
N ALA A 29 -6.37 -3.70 3.41
CA ALA A 29 -5.30 -2.78 3.04
C ALA A 29 -3.95 -3.48 3.04
N VAL A 30 -3.69 -4.31 4.05
CA VAL A 30 -2.40 -5.01 4.12
C VAL A 30 -2.24 -5.96 2.94
N HIS A 31 -3.33 -6.61 2.53
CA HIS A 31 -3.22 -7.53 1.41
C HIS A 31 -3.10 -6.82 0.07
N LEU A 32 -3.59 -5.57 -0.02
CA LEU A 32 -3.32 -4.77 -1.20
C LEU A 32 -1.85 -4.39 -1.30
N GLU A 33 -1.24 -4.01 -0.17
CA GLU A 33 0.18 -3.68 -0.17
C GLU A 33 1.03 -4.90 -0.51
N GLU A 34 0.66 -6.06 0.01
CA GLU A 34 1.34 -7.29 -0.39
C GLU A 34 1.18 -7.54 -1.88
N ALA A 35 -0.02 -7.26 -2.42
CA ALA A 35 -0.27 -7.44 -3.85
C ALA A 35 0.54 -6.48 -4.71
N ARG A 36 0.93 -5.32 -4.17
CA ARG A 36 1.78 -4.43 -4.95
C ARG A 36 3.18 -5.02 -5.11
N PHE A 37 3.68 -5.69 -4.08
CA PHE A 37 4.97 -6.37 -4.24
C PHE A 37 4.86 -7.57 -5.15
N TRP A 38 3.74 -8.30 -5.12
CA TRP A 38 3.53 -9.38 -6.08
C TRP A 38 3.52 -8.85 -7.51
N GLU A 39 2.87 -7.70 -7.73
CA GLU A 39 2.87 -7.10 -9.06
C GLU A 39 4.27 -6.67 -9.47
N LYS A 40 5.04 -6.10 -8.53
CA LYS A 40 6.41 -5.71 -8.83
C LYS A 40 7.25 -6.92 -9.24
N ALA A 41 7.05 -8.05 -8.58
CA ALA A 41 7.81 -9.27 -8.87
C ALA A 41 7.39 -9.95 -10.16
N GLY A 42 6.29 -9.52 -10.78
CA GLY A 42 5.84 -10.09 -12.02
C GLY A 42 4.76 -11.15 -11.91
N ALA A 43 4.03 -11.20 -10.79
CA ALA A 43 2.91 -12.12 -10.66
C ALA A 43 1.78 -11.74 -11.60
N THR A 44 0.97 -12.74 -11.96
CA THR A 44 -0.16 -12.55 -12.85
C THR A 44 -1.47 -12.45 -12.05
N PRO A 45 -2.52 -11.88 -12.64
CA PRO A 45 -3.81 -11.85 -11.94
C PRO A 45 -4.34 -13.22 -11.58
N GLU A 46 -4.06 -14.24 -12.38
CA GLU A 46 -4.59 -15.57 -12.06
C GLU A 46 -3.83 -16.19 -10.89
N GLU A 47 -2.53 -15.92 -10.77
CA GLU A 47 -1.77 -16.38 -9.60
C GLU A 47 -2.29 -15.74 -8.32
N VAL A 48 -2.57 -14.43 -8.36
CA VAL A 48 -3.10 -13.73 -7.19
C VAL A 48 -4.51 -14.19 -6.89
N ASP A 49 -5.31 -14.48 -7.93
CA ASP A 49 -6.67 -14.95 -7.72
C ASP A 49 -6.69 -16.34 -7.11
N ALA A 50 -5.78 -17.22 -7.55
CA ALA A 50 -5.73 -18.56 -6.99
C ALA A 50 -5.17 -18.53 -5.57
N ALA A 51 -4.22 -17.64 -5.31
CA ALA A 51 -3.64 -17.55 -3.96
C ALA A 51 -4.64 -16.94 -2.99
N GLY A 52 -5.36 -15.90 -3.42
CA GLY A 52 -6.38 -15.32 -2.57
C GLY A 52 -7.51 -16.27 -2.28
N LYS A 53 -7.89 -17.09 -3.27
CA LYS A 53 -8.93 -18.09 -3.05
C LYS A 53 -8.50 -19.14 -2.04
N ALA A 54 -7.24 -19.58 -2.13
CA ALA A 54 -6.73 -20.54 -1.15
C ALA A 54 -6.60 -19.90 0.23
N THR A 55 -6.34 -18.59 0.29
CA THR A 55 -6.22 -17.92 1.58
C THR A 55 -7.56 -17.85 2.29
N LEU A 56 -8.64 -17.56 1.55
CA LEU A 56 -9.97 -17.56 2.16
C LEU A 56 -10.34 -18.96 2.65
N GLU A 57 -10.07 -19.98 1.84
CA GLU A 57 -10.32 -21.36 2.27
C GLU A 57 -9.45 -21.73 3.48
N TYR A 58 -8.23 -21.20 3.55
CA TYR A 58 -7.37 -21.51 4.68
C TYR A 58 -7.96 -20.96 5.98
N TYR A 59 -8.32 -19.68 5.99
CA TYR A 59 -8.87 -19.09 7.20
C TYR A 59 -10.24 -19.67 7.53
N GLU A 60 -11.06 -19.94 6.52
CA GLU A 60 -12.32 -20.63 6.75
C GLU A 60 -12.09 -22.00 7.38
N ALA A 61 -10.96 -22.64 7.06
CA ALA A 61 -10.67 -23.94 7.67
C ALA A 61 -10.34 -23.79 9.15
N ILE A 62 -9.59 -22.75 9.51
CA ILE A 62 -9.28 -22.50 10.92
C ILE A 62 -10.56 -22.18 11.69
N ARG A 63 -11.46 -21.39 11.10
CA ARG A 63 -12.70 -21.03 11.78
C ARG A 63 -13.58 -22.24 12.03
N ASN A 64 -13.52 -23.24 11.14
CA ASN A 64 -14.38 -24.41 11.24
C ASN A 64 -13.67 -25.64 11.78
N GLY A 65 -12.38 -25.53 12.12
CA GLY A 65 -11.65 -26.66 12.65
C GLY A 65 -11.34 -27.76 11.65
N ASP A 66 -11.44 -27.47 10.35
CA ASP A 66 -11.11 -28.45 9.31
C ASP A 66 -9.60 -28.42 9.09
N GLU A 67 -8.91 -29.47 9.54
CA GLU A 67 -7.45 -29.49 9.48
C GLU A 67 -6.94 -29.97 8.13
N GLU A 68 -7.59 -30.97 7.52
CA GLU A 68 -7.18 -31.42 6.20
C GLU A 68 -7.32 -30.30 5.17
N LYS A 69 -8.45 -29.60 5.21
CA LYS A 69 -8.67 -28.48 4.30
C LYS A 69 -7.67 -27.36 4.55
N ALA A 70 -7.30 -27.15 5.82
CA ALA A 70 -6.32 -26.12 6.14
C ALA A 70 -4.94 -26.46 5.58
N VAL A 71 -4.55 -27.74 5.66
CA VAL A 71 -3.26 -28.14 5.12
C VAL A 71 -3.23 -27.98 3.61
N GLU A 72 -4.28 -28.44 2.92
CA GLU A 72 -4.30 -28.34 1.47
C GLU A 72 -4.36 -26.89 1.01
N ALA A 73 -5.19 -26.07 1.65
CA ALA A 73 -5.30 -24.67 1.24
C ALA A 73 -4.00 -23.91 1.50
N ARG A 74 -3.36 -24.18 2.65
CA ARG A 74 -2.10 -23.52 2.96
C ARG A 74 -1.02 -23.85 1.93
N LYS A 75 -0.94 -25.12 1.51
CA LYS A 75 0.05 -25.49 0.50
C LYS A 75 -0.24 -24.84 -0.85
N LYS A 76 -1.51 -24.76 -1.23
CA LYS A 76 -1.84 -24.15 -2.51
C LYS A 76 -1.45 -22.68 -2.52
N ALA A 77 -1.67 -21.97 -1.41
CA ALA A 77 -1.32 -20.56 -1.34
C ALA A 77 0.18 -20.35 -1.31
N LEU A 78 0.90 -21.18 -0.55
CA LEU A 78 2.34 -21.00 -0.40
C LEU A 78 3.13 -21.54 -1.59
N ASP A 79 2.58 -22.50 -2.34
CA ASP A 79 3.21 -22.88 -3.60
C ASP A 79 3.29 -21.68 -4.54
N ILE A 80 2.24 -20.88 -4.59
CA ILE A 80 2.26 -19.70 -5.46
C ILE A 80 3.13 -18.60 -4.85
N TYR A 81 3.12 -18.48 -3.52
CA TYR A 81 3.94 -17.48 -2.85
C TYR A 81 5.42 -17.75 -3.05
N ASN A 82 5.83 -19.03 -3.05
CA ASN A 82 7.25 -19.33 -3.23
C ASN A 82 7.74 -18.92 -4.61
N LYS A 83 6.88 -19.06 -5.63
CA LYS A 83 7.24 -18.58 -6.96
C LYS A 83 7.52 -17.08 -6.95
N ILE A 84 6.86 -16.34 -6.07
CA ILE A 84 7.00 -14.89 -6.06
C ILE A 84 8.16 -14.43 -5.17
N VAL A 85 8.46 -15.17 -4.10
CA VAL A 85 9.64 -14.88 -3.30
C VAL A 85 10.90 -14.98 -4.17
N GLU A 86 11.00 -16.05 -4.96
CA GLU A 86 12.20 -16.21 -5.79
C GLU A 86 12.25 -15.19 -6.91
N ALA A 87 11.09 -14.74 -7.40
CA ALA A 87 11.09 -13.65 -8.37
C ALA A 87 11.50 -12.33 -7.74
N LEU A 88 11.18 -12.13 -6.46
CA LEU A 88 11.57 -10.90 -5.77
C LEU A 88 13.07 -10.79 -5.61
N LYS A 89 13.80 -11.91 -5.68
CA LYS A 89 15.25 -11.87 -5.56
C LYS A 89 15.89 -11.10 -6.70
N LYS A 90 15.33 -11.20 -7.90
CA LYS A 90 15.83 -10.49 -9.07
C LYS A 90 15.31 -9.06 -9.16
N GLN A 91 14.65 -8.57 -8.11
CA GLN A 91 14.14 -7.21 -8.12
C GLN A 91 15.22 -6.24 -7.65
N PRO A 92 15.08 -4.96 -7.98
CA PRO A 92 16.06 -3.98 -7.51
C PRO A 92 16.13 -3.99 -6.00
N PRO A 93 17.29 -3.65 -5.43
CA PRO A 93 17.45 -3.74 -3.97
C PRO A 93 16.49 -2.85 -3.20
N GLU A 94 16.09 -1.70 -3.74
CA GLU A 94 15.14 -0.86 -3.03
C GLU A 94 13.78 -1.55 -2.91
N VAL A 95 13.40 -2.34 -3.90
CA VAL A 95 12.15 -3.09 -3.80
C VAL A 95 12.26 -4.19 -2.75
N VAL A 96 13.39 -4.90 -2.73
CA VAL A 96 13.58 -5.98 -1.76
C VAL A 96 13.62 -5.42 -0.34
N ALA A 97 14.37 -4.33 -0.15
CA ALA A 97 14.44 -3.70 1.17
C ALA A 97 13.09 -3.16 1.60
N ALA A 98 12.31 -2.64 0.64
CA ALA A 98 10.96 -2.17 0.96
C ALA A 98 10.07 -3.32 1.40
N TYR A 99 10.20 -4.48 0.74
CA TYR A 99 9.39 -5.64 1.09
C TYR A 99 9.77 -6.18 2.47
N GLU A 100 11.06 -6.22 2.77
CA GLU A 100 11.49 -6.69 4.09
C GLU A 100 11.01 -5.76 5.19
N ALA A 101 10.85 -4.46 4.89
CA ALA A 101 10.32 -3.52 5.86
C ALA A 101 8.81 -3.59 6.00
N PHE A 102 8.11 -4.08 4.97
CA PHE A 102 6.66 -4.21 5.03
C PHE A 102 6.22 -5.53 5.63
N ARG A 103 7.01 -6.60 5.45
CA ARG A 103 6.58 -7.93 5.86
C ARG A 103 6.22 -8.08 7.33
N PRO A 104 6.92 -7.45 8.29
CA PRO A 104 6.50 -7.61 9.69
C PRO A 104 5.05 -7.17 9.95
N ARG A 105 4.54 -6.20 9.18
CA ARG A 105 3.15 -5.80 9.36
C ARG A 105 2.19 -6.87 8.83
N HIS A 106 2.56 -7.53 7.73
CA HIS A 106 1.76 -8.65 7.27
C HIS A 106 1.86 -9.82 8.23
N GLU A 107 3.05 -10.07 8.77
CA GLU A 107 3.23 -11.12 9.77
C GLU A 107 2.33 -10.90 10.98
N ALA A 108 2.23 -9.65 11.44
CA ALA A 108 1.44 -9.37 12.64
C ALA A 108 -0.04 -9.57 12.38
N LEU A 109 -0.53 -9.13 11.22
CA LEU A 109 -1.92 -9.39 10.86
C LEU A 109 -2.17 -10.89 10.70
N HIS A 110 -1.19 -11.62 10.17
CA HIS A 110 -1.35 -13.06 9.99
C HIS A 110 -1.42 -13.78 11.32
N ARG A 111 -0.57 -13.39 12.28
CA ARG A 111 -0.63 -13.98 13.61
C ARG A 111 -1.95 -13.66 14.29
N ARG A 112 -2.44 -12.42 14.14
CA ARG A 112 -3.71 -12.07 14.75
C ARG A 112 -4.87 -12.83 14.10
N ALA A 113 -4.86 -12.96 12.77
CA ALA A 113 -5.97 -13.61 12.10
C ALA A 113 -6.05 -15.10 12.46
N GLU A 114 -4.89 -15.76 12.55
CA GLU A 114 -4.88 -17.17 12.94
C GLU A 114 -5.40 -17.37 14.37
N ALA A 115 -4.99 -16.50 15.30
CA ALA A 115 -5.41 -16.66 16.69
C ALA A 115 -6.87 -16.29 16.87
N THR A 116 -7.34 -15.25 16.19
CA THR A 116 -8.71 -14.78 16.36
C THR A 116 -9.71 -15.80 15.82
N LEU A 117 -9.40 -16.42 14.69
CA LEU A 117 -10.31 -17.39 14.09
C LEU A 117 -10.28 -18.73 14.83
N ARG A 118 -9.11 -19.13 15.33
CA ARG A 118 -9.05 -20.30 16.20
C ARG A 118 -9.87 -20.05 17.48
N ALA A 119 -9.85 -18.82 17.98
CA ALA A 119 -10.62 -18.50 19.19
C ALA A 119 -12.12 -18.61 18.92
N GLN A 120 -12.55 -18.23 17.71
CA GLN A 120 -13.96 -18.34 17.34
C GLN A 120 -14.38 -19.79 17.19
N TYR A 121 -13.47 -20.67 16.76
CA TYR A 121 -13.80 -22.09 16.71
C TYR A 121 -13.85 -22.70 18.10
N GLU A 122 -12.98 -22.25 19.00
CA GLU A 122 -12.96 -22.83 20.35
C GLU A 122 -14.15 -22.35 21.17
N ALA A 123 -14.62 -21.12 20.95
CA ALA A 123 -15.69 -20.54 21.74
C ALA A 123 -17.05 -20.70 21.08
N ARG A 124 -17.21 -20.16 19.87
CA ARG A 124 -18.50 -20.29 19.18
C ARG A 124 -18.74 -21.71 18.71
N GLY A 125 -17.68 -22.41 18.31
CA GLY A 125 -17.81 -23.75 17.77
C GLY A 125 -18.35 -23.76 16.36
N SER A 126 -17.64 -24.42 15.45
CA SER A 126 -18.06 -24.50 14.05
C SER A 126 -17.29 -25.58 13.30
N THR B 3 10.02 26.99 6.07
CA THR B 3 10.40 27.41 4.73
C THR B 3 9.16 27.75 3.91
N PRO B 4 9.30 28.63 2.91
CA PRO B 4 8.15 28.97 2.07
C PRO B 4 7.58 27.78 1.32
N LEU B 5 8.42 26.83 0.90
CA LEU B 5 7.91 25.64 0.23
C LEU B 5 7.21 24.71 1.22
N GLN B 6 7.72 24.63 2.45
CA GLN B 6 7.05 23.80 3.44
C GLN B 6 5.69 24.36 3.82
N GLN B 7 5.53 25.68 3.79
CA GLN B 7 4.23 26.27 4.08
C GLN B 7 3.24 25.99 2.96
N ALA B 8 3.70 26.04 1.70
CA ALA B 8 2.80 25.70 0.60
C ALA B 8 2.46 24.22 0.59
N ALA B 9 3.41 23.37 1.01
CA ALA B 9 3.14 21.94 1.12
C ALA B 9 2.26 21.61 2.31
N LEU B 10 2.38 22.37 3.41
CA LEU B 10 1.56 22.12 4.58
C LEU B 10 0.09 22.44 4.31
N LYS B 11 -0.19 23.41 3.45
CA LYS B 11 -1.58 23.73 3.12
C LYS B 11 -2.29 22.54 2.49
N TRP B 12 -1.63 21.84 1.57
CA TRP B 12 -2.23 20.68 0.91
C TRP B 12 -2.10 19.41 1.73
N ALA B 13 -1.01 19.26 2.48
CA ALA B 13 -0.87 18.11 3.36
C ALA B 13 -1.93 18.12 4.46
N ARG B 14 -2.26 19.31 4.98
CA ARG B 14 -3.33 19.41 5.98
C ARG B 14 -4.67 19.02 5.40
N LYS B 15 -4.95 19.42 4.15
CA LYS B 15 -6.20 19.04 3.51
C LYS B 15 -6.29 17.54 3.32
N LEU B 16 -5.16 16.87 3.07
CA LEU B 16 -5.15 15.41 3.05
C LEU B 16 -5.38 14.83 4.44
N ALA B 17 -4.87 15.51 5.47
CA ALA B 17 -5.07 15.04 6.84
C ALA B 17 -6.51 15.21 7.30
N GLU B 18 -7.23 16.19 6.74
CA GLU B 18 -8.64 16.38 7.10
C GLU B 18 -9.53 15.39 6.35
N ARG B 19 -9.25 15.17 5.07
CA ARG B 19 -10.06 14.24 4.28
C ARG B 19 -9.86 12.80 4.76
N PHE B 20 -8.62 12.42 5.04
CA PHE B 20 -8.28 11.05 5.44
C PHE B 20 -7.49 11.10 6.74
N PRO B 21 -8.16 11.12 7.89
CA PRO B 21 -7.44 11.24 9.17
C PRO B 21 -6.66 10.00 9.56
N GLU B 22 -6.89 8.86 8.89
CA GLU B 22 -6.12 7.66 9.19
C GLU B 22 -4.64 7.85 8.87
N LEU B 23 -4.35 8.48 7.74
CA LEU B 23 -2.99 8.71 7.27
C LEU B 23 -2.57 10.17 7.43
N GLY B 24 -3.30 10.94 8.24
CA GLY B 24 -3.08 12.38 8.27
C GLY B 24 -1.70 12.77 8.76
N GLU B 25 -1.31 12.25 9.93
CA GLU B 25 0.00 12.59 10.50
C GLU B 25 1.14 12.21 9.57
N GLU B 26 1.05 11.03 8.94
CA GLU B 26 2.11 10.61 8.03
C GLU B 26 2.15 11.48 6.79
N PHE B 27 0.99 11.85 6.25
CA PHE B 27 0.95 12.75 5.10
C PHE B 27 1.69 14.04 5.40
N ILE B 28 1.44 14.64 6.56
CA ILE B 28 2.05 15.93 6.87
C ILE B 28 3.55 15.76 7.09
N ALA B 29 3.95 14.78 7.89
CA ALA B 29 5.36 14.60 8.21
C ALA B 29 6.20 14.34 6.97
N VAL B 30 5.73 13.42 6.11
CA VAL B 30 6.51 13.04 4.93
C VAL B 30 6.55 14.18 3.91
N HIS B 31 5.41 14.85 3.69
CA HIS B 31 5.39 15.91 2.69
C HIS B 31 6.19 17.14 3.13
N LEU B 32 6.25 17.39 4.44
CA LEU B 32 7.10 18.47 4.93
C LEU B 32 8.57 18.18 4.65
N GLU B 33 9.00 16.94 4.88
CA GLU B 33 10.38 16.57 4.60
C GLU B 33 10.67 16.60 3.10
N GLU B 34 9.73 16.11 2.29
CA GLU B 34 9.90 16.14 0.84
C GLU B 34 10.03 17.57 0.33
N ALA B 35 9.25 18.48 0.91
CA ALA B 35 9.30 19.87 0.48
C ALA B 35 10.65 20.51 0.82
N ARG B 36 11.33 20.01 1.84
CA ARG B 36 12.65 20.53 2.15
C ARG B 36 13.67 20.11 1.09
N PHE B 37 13.54 18.90 0.57
CA PHE B 37 14.40 18.50 -0.54
C PHE B 37 14.09 19.27 -1.81
N TRP B 38 12.81 19.62 -2.02
CA TRP B 38 12.43 20.32 -3.24
C TRP B 38 13.04 21.72 -3.31
N GLU B 39 13.12 22.41 -2.17
CA GLU B 39 13.68 23.75 -2.20
C GLU B 39 15.20 23.72 -2.39
N LYS B 40 15.86 22.66 -1.95
CA LYS B 40 17.27 22.50 -2.28
C LYS B 40 17.48 22.33 -3.78
N ALA B 41 16.51 21.75 -4.47
CA ALA B 41 16.61 21.56 -5.91
C ALA B 41 16.16 22.77 -6.71
N GLY B 42 15.66 23.81 -6.05
CA GLY B 42 15.20 25.00 -6.73
C GLY B 42 13.73 25.03 -7.09
N ALA B 43 12.90 24.23 -6.40
CA ALA B 43 11.47 24.24 -6.69
C ALA B 43 10.84 25.55 -6.22
N THR B 44 9.67 25.83 -6.77
CA THR B 44 8.93 27.06 -6.50
C THR B 44 7.59 26.73 -5.85
N PRO B 45 6.97 27.71 -5.17
CA PRO B 45 5.65 27.44 -4.57
C PRO B 45 4.59 27.07 -5.58
N GLU B 46 4.73 27.50 -6.84
CA GLU B 46 3.78 27.10 -7.87
C GLU B 46 3.85 25.60 -8.12
N GLU B 47 5.06 25.04 -8.17
CA GLU B 47 5.20 23.61 -8.38
C GLU B 47 4.74 22.82 -7.17
N VAL B 48 4.95 23.36 -5.96
CA VAL B 48 4.48 22.70 -4.75
C VAL B 48 2.96 22.76 -4.66
N ASP B 49 2.37 23.91 -5.01
CA ASP B 49 0.91 24.03 -4.98
C ASP B 49 0.26 23.12 -6.01
N ALA B 50 0.79 23.09 -7.23
CA ALA B 50 0.22 22.24 -8.26
C ALA B 50 0.39 20.76 -7.92
N ALA B 51 1.51 20.39 -7.31
CA ALA B 51 1.72 18.99 -6.95
C ALA B 51 0.82 18.57 -5.78
N GLY B 52 0.66 19.45 -4.79
CA GLY B 52 -0.19 19.10 -3.66
C GLY B 52 -1.66 19.04 -4.03
N LYS B 53 -2.09 19.93 -4.94
CA LYS B 53 -3.46 19.91 -5.41
C LYS B 53 -3.75 18.65 -6.23
N ALA B 54 -2.81 18.24 -7.08
CA ALA B 54 -3.01 17.01 -7.85
C ALA B 54 -2.93 15.78 -6.96
N THR B 55 -2.10 15.81 -5.91
CA THR B 55 -2.04 14.68 -5.00
C THR B 55 -3.31 14.58 -4.19
N LEU B 56 -3.89 15.71 -3.81
CA LEU B 56 -5.16 15.71 -3.10
C LEU B 56 -6.27 15.10 -3.96
N GLU B 57 -6.34 15.51 -5.23
CA GLU B 57 -7.33 14.94 -6.13
C GLU B 57 -7.06 13.47 -6.41
N TYR B 58 -5.79 13.05 -6.41
CA TYR B 58 -5.47 11.65 -6.65
C TYR B 58 -6.05 10.77 -5.55
N TYR B 59 -5.77 11.08 -4.28
CA TYR B 59 -6.25 10.24 -3.19
C TYR B 59 -7.77 10.36 -3.01
N GLU B 60 -8.36 11.51 -3.30
CA GLU B 60 -9.81 11.62 -3.30
C GLU B 60 -10.42 10.70 -4.35
N ALA B 61 -9.84 10.68 -5.56
CA ALA B 61 -10.36 9.84 -6.62
C ALA B 61 -10.19 8.35 -6.30
N ILE B 62 -9.04 7.99 -5.69
CA ILE B 62 -8.84 6.62 -5.23
C ILE B 62 -9.92 6.22 -4.23
N ARG B 63 -10.28 7.14 -3.33
CA ARG B 63 -11.23 6.83 -2.27
C ARG B 63 -12.66 6.75 -2.80
N ASN B 64 -12.97 7.47 -3.88
CA ASN B 64 -14.32 7.47 -4.45
C ASN B 64 -14.42 6.62 -5.70
N GLY B 65 -13.40 5.84 -6.02
CA GLY B 65 -13.46 4.96 -7.18
C GLY B 65 -13.50 5.67 -8.51
N ASP B 66 -13.08 6.93 -8.57
CA ASP B 66 -13.05 7.70 -9.82
C ASP B 66 -11.71 7.40 -10.49
N GLU B 67 -11.71 6.40 -11.37
CA GLU B 67 -10.46 5.94 -11.97
C GLU B 67 -9.91 6.93 -12.98
N GLU B 68 -10.79 7.67 -13.67
CA GLU B 68 -10.32 8.63 -14.67
C GLU B 68 -9.60 9.80 -14.02
N LYS B 69 -10.14 10.35 -12.93
CA LYS B 69 -9.51 11.49 -12.29
C LYS B 69 -8.22 11.09 -11.57
N ALA B 70 -8.15 9.86 -11.04
CA ALA B 70 -6.91 9.42 -10.41
C ALA B 70 -5.77 9.36 -11.42
N VAL B 71 -6.03 8.81 -12.62
CA VAL B 71 -5.00 8.73 -13.65
C VAL B 71 -4.56 10.11 -14.10
N GLU B 72 -5.53 11.02 -14.29
CA GLU B 72 -5.19 12.38 -14.69
C GLU B 72 -4.37 13.09 -13.62
N ALA B 73 -4.79 13.01 -12.36
CA ALA B 73 -4.07 13.69 -11.29
C ALA B 73 -2.70 13.09 -11.05
N ARG B 74 -2.54 11.78 -11.28
CA ARG B 74 -1.24 11.14 -11.11
C ARG B 74 -0.23 11.66 -12.13
N LYS B 75 -0.66 11.79 -13.40
CA LYS B 75 0.20 12.35 -14.42
C LYS B 75 0.61 13.78 -14.09
N LYS B 76 -0.33 14.60 -13.61
CA LYS B 76 -0.02 15.98 -13.28
C LYS B 76 1.03 16.07 -12.17
N ALA B 77 0.91 15.21 -11.15
CA ALA B 77 1.88 15.19 -10.07
C ALA B 77 3.22 14.60 -10.49
N LEU B 78 3.22 13.60 -11.37
CA LEU B 78 4.47 12.98 -11.81
C LEU B 78 5.27 13.90 -12.72
N ASP B 79 4.61 14.75 -13.50
CA ASP B 79 5.31 15.70 -14.35
C ASP B 79 6.15 16.66 -13.51
N ILE B 80 5.55 17.20 -12.45
CA ILE B 80 6.29 18.10 -11.58
C ILE B 80 7.39 17.35 -10.84
N TYR B 81 7.08 16.14 -10.36
CA TYR B 81 8.04 15.39 -9.57
C TYR B 81 9.27 15.01 -10.38
N ASN B 82 9.07 14.55 -11.62
CA ASN B 82 10.20 14.14 -12.46
C ASN B 82 11.11 15.30 -12.81
N LYS B 83 10.56 16.51 -12.99
CA LYS B 83 11.41 17.67 -13.23
C LYS B 83 12.26 17.98 -12.00
N ILE B 84 11.69 17.81 -10.81
CA ILE B 84 12.40 18.18 -9.59
C ILE B 84 13.43 17.13 -9.21
N VAL B 85 13.16 15.86 -9.50
CA VAL B 85 14.11 14.80 -9.21
C VAL B 85 15.38 14.97 -10.04
N GLU B 86 15.23 15.25 -11.34
CA GLU B 86 16.43 15.38 -12.17
C GLU B 86 17.29 16.56 -11.73
N ALA B 87 16.67 17.55 -11.06
CA ALA B 87 17.45 18.62 -10.45
C ALA B 87 18.11 18.15 -9.15
N LEU B 88 17.44 17.29 -8.39
CA LEU B 88 18.05 16.73 -7.19
C LEU B 88 19.24 15.83 -7.52
N LYS B 89 19.26 15.27 -8.73
CA LYS B 89 20.38 14.41 -9.13
C LYS B 89 21.69 15.19 -9.23
N LYS B 90 21.61 16.49 -9.54
CA LYS B 90 22.79 17.32 -9.69
C LYS B 90 23.19 18.02 -8.40
N GLN B 91 22.61 17.65 -7.28
CA GLN B 91 22.96 18.21 -5.99
C GLN B 91 24.23 17.54 -5.46
N PRO B 92 24.89 18.13 -4.46
CA PRO B 92 26.06 17.51 -3.85
C PRO B 92 25.76 16.10 -3.37
N PRO B 93 26.79 15.28 -3.13
CA PRO B 93 26.53 13.88 -2.76
C PRO B 93 25.84 13.72 -1.42
N GLU B 94 26.04 14.64 -0.48
CA GLU B 94 25.33 14.53 0.80
C GLU B 94 23.84 14.77 0.62
N VAL B 95 23.45 15.62 -0.34
CA VAL B 95 22.02 15.84 -0.58
C VAL B 95 21.43 14.66 -1.34
N VAL B 96 22.18 14.11 -2.30
CA VAL B 96 21.68 12.98 -3.08
C VAL B 96 21.56 11.75 -2.20
N ALA B 97 22.59 11.46 -1.40
CA ALA B 97 22.54 10.30 -0.52
C ALA B 97 21.44 10.45 0.53
N ALA B 98 21.17 11.68 0.98
CA ALA B 98 20.13 11.87 1.98
C ALA B 98 18.75 11.68 1.38
N TYR B 99 18.54 12.09 0.12
CA TYR B 99 17.25 11.90 -0.49
C TYR B 99 17.00 10.43 -0.81
N GLU B 100 18.04 9.69 -1.18
CA GLU B 100 17.89 8.27 -1.49
C GLU B 100 17.49 7.47 -0.26
N ALA B 101 17.93 7.88 0.93
CA ALA B 101 17.54 7.23 2.18
C ALA B 101 16.17 7.66 2.67
N PHE B 102 15.72 8.85 2.29
CA PHE B 102 14.39 9.34 2.70
C PHE B 102 13.30 8.80 1.80
N ARG B 103 13.57 8.71 0.50
CA ARG B 103 12.55 8.32 -0.47
C ARG B 103 11.81 7.03 -0.16
N PRO B 104 12.45 5.94 0.33
CA PRO B 104 11.67 4.75 0.67
C PRO B 104 10.58 4.99 1.70
N ARG B 105 10.74 5.99 2.58
CA ARG B 105 9.66 6.29 3.51
C ARG B 105 8.49 6.97 2.82
N HIS B 106 8.76 7.79 1.80
CA HIS B 106 7.67 8.39 1.03
C HIS B 106 6.98 7.35 0.16
N GLU B 107 7.75 6.44 -0.45
CA GLU B 107 7.16 5.35 -1.22
C GLU B 107 6.29 4.47 -0.34
N ALA B 108 6.75 4.16 0.87
CA ALA B 108 5.97 3.34 1.79
C ALA B 108 4.69 4.03 2.21
N LEU B 109 4.67 5.37 2.25
CA LEU B 109 3.44 6.07 2.60
C LEU B 109 2.46 6.07 1.43
N HIS B 110 2.95 6.32 0.22
CA HIS B 110 2.08 6.26 -0.96
C HIS B 110 1.48 4.87 -1.12
N ARG B 111 2.29 3.83 -0.93
CA ARG B 111 1.79 2.45 -1.03
C ARG B 111 0.68 2.20 -0.01
N ARG B 112 0.90 2.61 1.25
CA ARG B 112 -0.09 2.35 2.29
C ARG B 112 -1.32 3.21 2.11
N ALA B 113 -1.14 4.47 1.68
CA ALA B 113 -2.29 5.36 1.52
C ALA B 113 -3.21 4.89 0.41
N GLU B 114 -2.64 4.46 -0.72
CA GLU B 114 -3.48 3.96 -1.80
C GLU B 114 -4.20 2.68 -1.39
N ALA B 115 -3.50 1.77 -0.70
CA ALA B 115 -4.14 0.52 -0.28
C ALA B 115 -5.22 0.77 0.75
N THR B 116 -5.02 1.74 1.64
CA THR B 116 -5.99 2.03 2.68
C THR B 116 -7.24 2.68 2.09
N LEU B 117 -7.07 3.64 1.18
CA LEU B 117 -8.22 4.30 0.60
C LEU B 117 -8.97 3.37 -0.34
N ARG B 118 -8.26 2.52 -1.08
CA ARG B 118 -8.95 1.52 -1.90
C ARG B 118 -9.72 0.53 -1.03
N ALA B 119 -9.14 0.16 0.12
CA ALA B 119 -9.81 -0.76 1.03
C ALA B 119 -11.07 -0.12 1.62
N GLN B 120 -11.01 1.17 1.92
CA GLN B 120 -12.18 1.85 2.47
C GLN B 120 -13.29 1.98 1.43
N TYR B 121 -12.94 2.18 0.16
CA TYR B 121 -13.97 2.28 -0.88
C TYR B 121 -14.66 0.94 -1.09
N GLU B 122 -13.90 -0.14 -1.19
CA GLU B 122 -14.50 -1.44 -1.50
C GLU B 122 -15.22 -2.05 -0.31
N ALA B 123 -14.74 -1.82 0.91
CA ALA B 123 -15.37 -2.41 2.09
C ALA B 123 -16.62 -1.65 2.52
N ARG B 124 -16.67 -0.35 2.27
CA ARG B 124 -17.80 0.47 2.68
C ARG B 124 -18.70 0.78 1.49
#